data_3GJ7
#
_entry.id   3GJ7
#
_cell.length_a   58.523
_cell.length_b   61.129
_cell.length_c   80.215
_cell.angle_alpha   90.00
_cell.angle_beta   93.71
_cell.angle_gamma   90.00
#
_symmetry.space_group_name_H-M   'P 1 21 1'
#
loop_
_entity.id
_entity.type
_entity.pdbx_description
1 polymer 'GTP-binding nuclear protein Ran'
2 polymer 'Nuclear pore complex protein Nup153'
3 non-polymer 'MAGNESIUM ION'
4 non-polymer "GUANOSINE-5'-DIPHOSPHATE"
5 non-polymer 'ZINC ION'
6 water water
#
loop_
_entity_poly.entity_id
_entity_poly.type
_entity_poly.pdbx_seq_one_letter_code
_entity_poly.pdbx_strand_id
1 'polypeptide(L)'
;GPHMASAAQGEPQVQFKLVLVGDGGTGKTTFVKRHLTGESEKKYVATLGVEVHPLVFHTNRGPIKFNVWDTAGQEKFGGL
RDGYYIQAQCAIIMFDVTSRVTYKNVPNWHRDLVRVCENIPIVLCGNKVDIKDRKVKAKSIVFHRKKNLQYYDISAKSNY
NFEKPFLWLARKLIGDPNLEFVAMPALAPPEVVMDPALAAQYEHDLEVAQTTALPDEDDDL
;
A,C
2 'polypeptide(L)'
;GPLGSAGSSWQCDTCLLQNKVTDNKCIACQAAKLPLKETAKQTGIGTPSKSDKPASTSGTGFGDKFKPAIGTWDCDTCLV
QNKPEAVKCVACETPKPG
;
B,D
#
loop_
_chem_comp.id
_chem_comp.type
_chem_comp.name
_chem_comp.formula
GDP RNA linking GUANOSINE-5'-DIPHOSPHATE 'C10 H15 N5 O11 P2'
MG non-polymer 'MAGNESIUM ION' 'Mg 2'
ZN non-polymer 'ZINC ION' 'Zn 2'
#
# COMPACT_ATOMS: atom_id res chain seq x y z
N PRO A 12 -12.14 -12.78 -7.55
CA PRO A 12 -10.69 -12.80 -7.78
C PRO A 12 -10.15 -11.40 -8.07
N GLN A 13 -8.93 -11.13 -7.62
CA GLN A 13 -8.30 -9.82 -7.79
C GLN A 13 -8.15 -9.43 -9.25
N VAL A 14 -8.53 -8.21 -9.59
CA VAL A 14 -8.34 -7.68 -10.94
C VAL A 14 -6.86 -7.30 -11.14
N GLN A 15 -6.21 -7.89 -12.13
CA GLN A 15 -4.78 -7.62 -12.35
C GLN A 15 -4.39 -7.75 -13.83
N PHE A 16 -3.37 -7.00 -14.24
CA PHE A 16 -2.92 -7.01 -15.63
C PHE A 16 -1.41 -7.09 -15.71
N LYS A 17 -0.90 -7.89 -16.65
CA LYS A 17 0.52 -7.90 -16.93
C LYS A 17 0.84 -6.64 -17.70
N LEU A 18 1.81 -5.87 -17.20
CA LEU A 18 2.28 -4.66 -17.84
C LEU A 18 3.78 -4.82 -18.13
N VAL A 19 4.16 -4.70 -19.39
CA VAL A 19 5.57 -4.79 -19.73
C VAL A 19 6.15 -3.38 -19.80
N LEU A 20 7.32 -3.20 -19.21
CA LEU A 20 7.96 -1.90 -19.17
C LEU A 20 9.22 -2.00 -20.00
N VAL A 21 9.19 -1.44 -21.20
CA VAL A 21 10.32 -1.54 -22.12
C VAL A 21 10.88 -0.17 -22.46
N GLY A 22 12.05 -0.18 -23.09
CA GLY A 22 12.76 1.03 -23.43
C GLY A 22 14.26 0.81 -23.37
N ASP A 23 15.02 1.71 -23.95
CA ASP A 23 16.48 1.59 -23.93
C ASP A 23 17.03 1.42 -22.52
N GLY A 24 18.18 0.75 -22.41
CA GLY A 24 18.90 0.70 -21.15
C GLY A 24 19.27 2.10 -20.70
N GLY A 25 19.15 2.35 -19.40
CA GLY A 25 19.51 3.63 -18.83
C GLY A 25 18.43 4.71 -18.84
N THR A 26 17.22 4.37 -19.30
CA THR A 26 16.15 5.37 -19.35
C THR A 26 15.44 5.56 -18.01
N GLY A 27 15.64 4.64 -17.07
CA GLY A 27 15.11 4.78 -15.71
C GLY A 27 13.99 3.83 -15.36
N LYS A 28 13.85 2.75 -16.12
CA LYS A 28 12.76 1.79 -15.94
C LYS A 28 12.77 1.17 -14.54
N THR A 29 13.95 0.78 -14.08
CA THR A 29 14.03 0.15 -12.77
C THR A 29 13.74 1.17 -11.69
N THR A 30 14.36 2.34 -11.79
CA THR A 30 14.14 3.41 -10.83
C THR A 30 12.66 3.73 -10.69
N PHE A 31 11.98 3.80 -11.83
CA PHE A 31 10.55 4.13 -11.88
C PHE A 31 9.70 3.08 -11.18
N VAL A 32 9.78 1.82 -11.64
CA VAL A 32 8.90 0.80 -11.06
C VAL A 32 9.10 0.69 -9.55
N LYS A 33 10.33 0.92 -9.10
CA LYS A 33 10.68 0.76 -7.70
C LYS A 33 10.13 1.86 -6.79
N ARG A 34 9.61 2.94 -7.35
CA ARG A 34 9.02 3.98 -6.50
C ARG A 34 7.89 3.40 -5.63
N HIS A 35 7.21 2.41 -6.16
CA HIS A 35 6.05 1.80 -5.49
C HIS A 35 6.52 0.82 -4.42
N LEU A 36 6.48 1.26 -3.16
CA LEU A 36 7.12 0.54 -2.07
C LEU A 36 6.64 -0.89 -1.87
N THR A 37 5.32 -1.11 -1.90
CA THR A 37 4.81 -2.46 -1.71
C THR A 37 5.11 -3.32 -2.94
N GLY A 38 5.13 -2.71 -4.13
CA GLY A 38 5.46 -3.42 -5.35
C GLY A 38 6.89 -3.91 -5.28
N GLU A 39 7.74 -3.12 -4.62
CA GLU A 39 9.13 -3.51 -4.46
C GLU A 39 9.30 -4.59 -3.39
N SER A 40 8.58 -4.47 -2.26
CA SER A 40 8.70 -5.48 -1.20
C SER A 40 8.08 -6.82 -1.59
N GLU A 41 7.13 -6.80 -2.52
CA GLU A 41 6.46 -8.03 -2.92
C GLU A 41 6.88 -8.53 -4.32
N LYS A 42 7.97 -8.00 -4.85
CA LYS A 42 8.35 -8.31 -6.22
C LYS A 42 8.77 -9.78 -6.33
N LYS A 43 8.60 -10.36 -7.51
CA LYS A 43 8.96 -11.75 -7.72
C LYS A 43 10.03 -11.89 -8.81
N TYR A 44 11.11 -12.59 -8.50
CA TYR A 44 12.17 -12.80 -9.49
C TYR A 44 11.84 -14.01 -10.36
N VAL A 45 12.02 -13.84 -11.67
CA VAL A 45 11.77 -14.91 -12.62
C VAL A 45 13.07 -15.23 -13.34
N ALA A 46 13.78 -16.23 -12.83
CA ALA A 46 15.15 -16.53 -13.28
C ALA A 46 15.21 -16.91 -14.75
N THR A 47 14.31 -17.80 -15.16
CA THR A 47 14.26 -18.24 -16.56
C THR A 47 14.33 -17.09 -17.55
N LEU A 48 13.74 -15.96 -17.20
CA LEU A 48 13.69 -14.83 -18.12
C LEU A 48 14.56 -13.66 -17.67
N GLY A 49 15.11 -13.76 -16.46
CA GLY A 49 15.85 -12.66 -15.88
C GLY A 49 14.98 -11.41 -15.77
N VAL A 50 13.87 -11.55 -15.04
CA VAL A 50 12.90 -10.45 -14.91
C VAL A 50 12.43 -10.37 -13.46
N GLU A 51 12.10 -9.17 -13.00
CA GLU A 51 11.40 -9.02 -11.73
C GLU A 51 10.01 -8.48 -11.99
N VAL A 52 8.99 -9.16 -11.47
CA VAL A 52 7.60 -8.75 -11.64
C VAL A 52 7.15 -8.03 -10.35
N HIS A 53 6.84 -6.73 -10.48
CA HIS A 53 6.46 -5.90 -9.32
C HIS A 53 4.95 -5.78 -9.30
N PRO A 54 4.33 -6.34 -8.26
CA PRO A 54 2.87 -6.24 -8.15
C PRO A 54 2.47 -4.86 -7.63
N LEU A 55 1.92 -4.00 -8.48
CA LEU A 55 1.58 -2.64 -8.06
C LEU A 55 0.08 -2.45 -7.87
N VAL A 56 -0.37 -2.42 -6.61
CA VAL A 56 -1.78 -2.17 -6.38
C VAL A 56 -2.08 -0.67 -6.38
N PHE A 57 -3.23 -0.33 -6.97
CA PHE A 57 -3.78 1.02 -6.95
C PHE A 57 -5.24 0.88 -6.52
N HIS A 58 -5.70 1.78 -5.66
CA HIS A 58 -7.05 1.72 -5.12
C HIS A 58 -7.93 2.70 -5.87
N THR A 59 -8.93 2.17 -6.57
CA THR A 59 -9.71 3.00 -7.47
C THR A 59 -11.11 3.13 -6.92
N ASN A 60 -11.87 4.07 -7.48
CA ASN A 60 -13.24 4.28 -7.03
C ASN A 60 -14.11 3.06 -7.24
N ARG A 61 -13.59 2.08 -8.00
CA ARG A 61 -14.30 0.82 -8.22
C ARG A 61 -13.57 -0.39 -7.67
N GLY A 62 -12.70 -0.17 -6.69
CA GLY A 62 -11.96 -1.25 -6.09
C GLY A 62 -10.49 -1.27 -6.45
N PRO A 63 -9.75 -2.23 -5.91
CA PRO A 63 -8.31 -2.35 -6.18
C PRO A 63 -8.03 -2.87 -7.60
N ILE A 64 -6.98 -2.36 -8.24
CA ILE A 64 -6.49 -3.01 -9.45
C ILE A 64 -4.98 -3.19 -9.37
N LYS A 65 -4.49 -4.35 -9.80
CA LYS A 65 -3.08 -4.66 -9.65
C LYS A 65 -2.35 -4.67 -11.00
N PHE A 66 -1.28 -3.88 -11.12
CA PHE A 66 -0.44 -3.99 -12.32
C PHE A 66 0.81 -4.78 -11.98
N ASN A 67 0.98 -5.92 -12.62
CA ASN A 67 2.17 -6.75 -12.45
C ASN A 67 3.17 -6.31 -13.50
N VAL A 68 4.07 -5.43 -13.08
CA VAL A 68 5.00 -4.77 -13.99
C VAL A 68 6.27 -5.61 -14.18
N TRP A 69 6.57 -5.96 -15.42
CA TRP A 69 7.75 -6.75 -15.74
C TRP A 69 8.96 -5.87 -16.01
N ASP A 70 9.93 -5.93 -15.11
CA ASP A 70 11.14 -5.15 -15.25
C ASP A 70 12.31 -6.06 -15.63
N THR A 71 13.04 -5.67 -16.67
CA THR A 71 14.19 -6.43 -17.12
C THR A 71 15.31 -6.41 -16.09
N ALA A 72 16.34 -7.23 -16.33
CA ALA A 72 17.56 -7.21 -15.55
C ALA A 72 18.74 -6.68 -16.38
N GLY A 73 18.44 -5.79 -17.32
CA GLY A 73 19.47 -5.13 -18.10
C GLY A 73 19.70 -5.67 -19.49
N GLN A 74 19.12 -6.82 -19.83
CA GLN A 74 19.38 -7.48 -21.11
C GLN A 74 19.08 -6.62 -22.34
N GLU A 75 18.14 -5.68 -22.20
CA GLU A 75 17.77 -4.80 -23.31
C GLU A 75 18.94 -4.01 -23.89
N LYS A 76 20.07 -4.00 -23.19
CA LYS A 76 21.26 -3.34 -23.74
C LYS A 76 21.89 -4.13 -24.88
N PHE A 77 21.55 -5.42 -24.97
CA PHE A 77 22.30 -6.31 -25.86
C PHE A 77 21.45 -6.89 -26.98
N GLY A 78 20.18 -6.53 -27.00
CA GLY A 78 19.33 -6.92 -28.10
C GLY A 78 17.86 -6.81 -27.75
N GLY A 79 17.01 -7.16 -28.72
CA GLY A 79 15.59 -7.30 -28.47
C GLY A 79 15.30 -8.32 -27.37
N LEU A 80 14.18 -8.14 -26.67
CA LEU A 80 13.79 -9.06 -25.61
C LEU A 80 13.06 -10.28 -26.16
N ARG A 81 13.25 -11.42 -25.52
CA ARG A 81 12.62 -12.67 -25.94
C ARG A 81 11.09 -12.67 -25.85
N ASP A 82 10.46 -13.58 -26.58
CA ASP A 82 9.00 -13.64 -26.66
C ASP A 82 8.33 -13.84 -25.29
N GLY A 83 8.95 -14.64 -24.44
CA GLY A 83 8.39 -15.00 -23.16
C GLY A 83 8.27 -13.81 -22.22
N TYR A 84 9.03 -12.75 -22.52
CA TYR A 84 8.95 -11.52 -21.76
C TYR A 84 7.66 -10.81 -22.11
N TYR A 85 7.38 -10.74 -23.41
CA TYR A 85 6.21 -10.04 -23.90
C TYR A 85 4.93 -10.84 -23.70
N ILE A 86 5.05 -12.16 -23.60
CA ILE A 86 3.89 -13.03 -23.76
C ILE A 86 2.76 -12.74 -22.77
N GLN A 87 1.57 -12.46 -23.31
CA GLN A 87 0.36 -12.24 -22.52
C GLN A 87 0.34 -10.88 -21.82
N ALA A 88 1.17 -9.96 -22.26
CA ALA A 88 1.08 -8.59 -21.78
C ALA A 88 -0.32 -8.09 -22.08
N GLN A 89 -0.90 -7.28 -21.21
CA GLN A 89 -2.22 -6.72 -21.50
C GLN A 89 -2.11 -5.22 -21.74
N CYS A 90 -0.98 -4.66 -21.33
CA CYS A 90 -0.73 -3.26 -21.51
C CYS A 90 0.76 -3.04 -21.38
N ALA A 91 1.22 -1.85 -21.72
CA ALA A 91 2.64 -1.59 -21.65
C ALA A 91 2.92 -0.12 -21.44
N ILE A 92 4.12 0.15 -20.97
CA ILE A 92 4.67 1.49 -20.90
C ILE A 92 5.97 1.43 -21.67
N ILE A 93 6.14 2.38 -22.60
CA ILE A 93 7.42 2.52 -23.30
C ILE A 93 8.16 3.74 -22.79
N MET A 94 9.39 3.54 -22.35
CA MET A 94 10.13 4.63 -21.71
C MET A 94 11.33 5.07 -22.50
N PHE A 95 11.54 6.38 -22.51
CA PHE A 95 12.79 6.92 -22.98
C PHE A 95 13.27 8.00 -22.02
N ASP A 96 14.42 8.58 -22.32
CA ASP A 96 15.10 9.50 -21.44
C ASP A 96 15.23 10.82 -22.19
N VAL A 97 14.61 11.87 -21.64
CA VAL A 97 14.54 13.14 -22.35
C VAL A 97 15.90 13.85 -22.36
N THR A 98 16.90 13.22 -21.74
CA THR A 98 18.27 13.72 -21.80
C THR A 98 19.11 12.94 -22.82
N SER A 99 18.53 11.91 -23.42
CA SER A 99 19.21 11.12 -24.45
C SER A 99 18.36 10.95 -25.70
N ARG A 100 18.64 11.76 -26.72
CA ARG A 100 17.83 11.77 -27.94
C ARG A 100 17.76 10.40 -28.63
N VAL A 101 18.85 9.63 -28.56
CA VAL A 101 18.85 8.31 -29.16
C VAL A 101 17.81 7.37 -28.52
N THR A 102 17.51 7.56 -27.25
CA THR A 102 16.51 6.72 -26.58
C THR A 102 15.11 6.95 -27.15
N TYR A 103 14.83 8.19 -27.51
CA TYR A 103 13.57 8.48 -28.15
C TYR A 103 13.58 7.97 -29.57
N LYS A 104 14.75 8.01 -30.21
CA LYS A 104 14.92 7.53 -31.57
C LYS A 104 14.60 6.05 -31.66
N ASN A 105 14.78 5.34 -30.55
CA ASN A 105 14.55 3.89 -30.51
C ASN A 105 13.11 3.48 -30.19
N VAL A 106 12.31 4.45 -29.75
CA VAL A 106 10.91 4.19 -29.41
C VAL A 106 10.12 3.39 -30.44
N PRO A 107 10.14 3.81 -31.73
CA PRO A 107 9.44 3.06 -32.78
C PRO A 107 9.88 1.59 -32.82
N ASN A 108 11.17 1.34 -32.61
CA ASN A 108 11.69 -0.03 -32.51
C ASN A 108 11.03 -0.85 -31.39
N TRP A 109 10.86 -0.25 -30.21
CA TRP A 109 10.22 -0.95 -29.10
C TRP A 109 8.74 -1.20 -29.43
N HIS A 110 8.08 -0.18 -29.95
CA HIS A 110 6.69 -0.32 -30.32
C HIS A 110 6.52 -1.48 -31.30
N ARG A 111 7.31 -1.50 -32.35
CA ARG A 111 7.29 -2.58 -33.33
C ARG A 111 7.50 -3.94 -32.67
N ASP A 112 8.55 -4.06 -31.85
CA ASP A 112 8.81 -5.30 -31.10
C ASP A 112 7.59 -5.72 -30.29
N LEU A 113 6.91 -4.74 -29.70
CA LEU A 113 5.82 -5.01 -28.77
C LEU A 113 4.57 -5.45 -29.52
N VAL A 114 4.19 -4.67 -30.51
CA VAL A 114 3.00 -4.95 -31.31
C VAL A 114 3.13 -6.26 -32.09
N ARG A 115 4.36 -6.61 -32.48
CA ARG A 115 4.58 -7.87 -33.18
C ARG A 115 4.07 -9.03 -32.36
N VAL A 116 4.19 -8.90 -31.05
CA VAL A 116 3.92 -10.00 -30.13
C VAL A 116 2.60 -9.85 -29.36
N CYS A 117 2.14 -8.61 -29.17
CA CYS A 117 0.99 -8.35 -28.30
C CYS A 117 -0.24 -7.73 -28.98
N GLU A 118 -0.05 -7.24 -30.21
CA GLU A 118 -1.13 -6.63 -30.99
C GLU A 118 -1.42 -5.18 -30.58
N ASN A 119 -2.71 -4.90 -30.35
CA ASN A 119 -3.17 -3.53 -30.17
C ASN A 119 -3.44 -3.18 -28.70
N ILE A 120 -2.67 -3.76 -27.79
CA ILE A 120 -2.85 -3.49 -26.37
C ILE A 120 -2.68 -2.00 -26.05
N PRO A 121 -3.29 -1.53 -24.94
CA PRO A 121 -3.09 -0.15 -24.49
C PRO A 121 -1.64 0.09 -24.12
N ILE A 122 -1.07 1.17 -24.65
CA ILE A 122 0.34 1.50 -24.44
C ILE A 122 0.50 2.97 -24.09
N VAL A 123 1.33 3.28 -23.09
CA VAL A 123 1.62 4.66 -22.74
C VAL A 123 3.08 4.96 -22.96
N LEU A 124 3.34 6.14 -23.50
CA LEU A 124 4.70 6.55 -23.80
C LEU A 124 5.15 7.52 -22.74
N CYS A 125 6.30 7.23 -22.13
CA CYS A 125 6.80 8.07 -21.03
C CYS A 125 8.21 8.58 -21.33
N GLY A 126 8.38 9.89 -21.15
CA GLY A 126 9.70 10.51 -21.25
C GLY A 126 10.18 10.80 -19.85
N ASN A 127 11.10 9.97 -19.37
CA ASN A 127 11.59 10.05 -17.98
C ASN A 127 12.73 11.06 -17.79
N LYS A 128 12.97 11.45 -16.54
CA LYS A 128 14.09 12.33 -16.16
C LYS A 128 13.84 13.82 -16.43
N VAL A 129 12.57 14.23 -16.47
CA VAL A 129 12.26 15.62 -16.76
C VAL A 129 12.62 16.54 -15.59
N ASP A 130 13.10 15.96 -14.51
CA ASP A 130 13.58 16.72 -13.37
C ASP A 130 14.90 17.40 -13.73
N ILE A 131 15.62 16.81 -14.68
CA ILE A 131 16.95 17.31 -15.05
C ILE A 131 16.88 18.64 -15.80
N LYS A 132 17.62 19.62 -15.30
CA LYS A 132 17.59 20.99 -15.82
C LYS A 132 17.68 21.05 -17.34
N ASP A 133 18.80 20.59 -17.89
CA ASP A 133 19.06 20.71 -19.32
C ASP A 133 18.38 19.61 -20.14
N ARG A 134 17.10 19.81 -20.45
CA ARG A 134 16.32 18.83 -21.19
C ARG A 134 16.64 18.87 -22.70
N LYS A 135 16.66 17.70 -23.33
CA LYS A 135 17.04 17.62 -24.76
C LYS A 135 15.88 17.27 -25.69
N VAL A 136 15.02 16.35 -25.26
CA VAL A 136 13.86 15.93 -26.05
C VAL A 136 12.58 16.62 -25.56
N LYS A 137 12.32 17.81 -26.10
CA LYS A 137 11.20 18.65 -25.66
C LYS A 137 9.86 18.30 -26.30
N ALA A 138 8.79 18.84 -25.72
CA ALA A 138 7.43 18.55 -26.16
C ALA A 138 7.27 18.52 -27.68
N LYS A 139 7.78 19.53 -28.37
CA LYS A 139 7.51 19.67 -29.80
C LYS A 139 8.14 18.55 -30.64
N SER A 140 9.09 17.82 -30.07
CA SER A 140 9.77 16.75 -30.78
C SER A 140 9.11 15.39 -30.51
N ILE A 141 8.27 15.33 -29.48
CA ILE A 141 7.62 14.09 -29.08
C ILE A 141 6.36 13.84 -29.89
N VAL A 142 6.44 12.98 -30.89
CA VAL A 142 5.35 12.83 -31.85
C VAL A 142 4.87 11.39 -32.06
N PHE A 143 5.69 10.43 -31.64
CA PHE A 143 5.39 9.03 -31.97
C PHE A 143 4.02 8.54 -31.49
N HIS A 144 3.54 9.09 -30.37
CA HIS A 144 2.29 8.62 -29.79
C HIS A 144 1.06 9.05 -30.58
N ARG A 145 1.11 10.29 -31.09
CA ARG A 145 -0.04 10.86 -31.80
C ARG A 145 -0.73 9.87 -32.73
N LYS A 146 0.04 8.97 -33.33
CA LYS A 146 -0.45 8.16 -34.44
C LYS A 146 -1.17 6.86 -34.10
N LYS A 147 -1.00 6.34 -32.89
CA LYS A 147 -1.43 4.96 -32.65
C LYS A 147 -2.08 4.68 -31.30
N ASN A 148 -3.07 5.46 -30.91
CA ASN A 148 -3.73 5.27 -29.62
C ASN A 148 -2.70 5.17 -28.50
N LEU A 149 -1.63 5.94 -28.65
CA LEU A 149 -0.60 6.00 -27.61
C LEU A 149 -0.72 7.31 -26.86
N GLN A 150 -0.91 7.22 -25.54
CA GLN A 150 -0.94 8.40 -24.70
C GLN A 150 0.49 8.68 -24.25
N TYR A 151 0.82 9.96 -24.05
CA TYR A 151 2.16 10.33 -23.59
C TYR A 151 2.11 11.11 -22.29
N TYR A 152 3.07 10.84 -21.41
CA TYR A 152 3.28 11.63 -20.19
C TYR A 152 4.76 11.91 -19.98
N ASP A 153 5.09 13.14 -19.56
CA ASP A 153 6.41 13.42 -18.99
C ASP A 153 6.41 12.78 -17.61
N ILE A 154 7.54 12.21 -17.20
CA ILE A 154 7.66 11.72 -15.83
C ILE A 154 9.03 12.00 -15.24
N SER A 155 9.13 11.94 -13.91
CA SER A 155 10.42 11.93 -13.24
C SER A 155 10.43 10.89 -12.12
N ALA A 156 10.98 9.73 -12.42
CA ALA A 156 11.03 8.63 -11.45
C ALA A 156 11.60 9.07 -10.11
N LYS A 157 12.69 9.83 -10.14
CA LYS A 157 13.37 10.24 -8.92
C LYS A 157 12.59 11.21 -8.04
N SER A 158 11.59 11.87 -8.62
CA SER A 158 10.81 12.87 -7.88
C SER A 158 9.35 12.43 -7.71
N ASN A 159 9.03 11.25 -8.23
CA ASN A 159 7.66 10.74 -8.19
C ASN A 159 6.72 11.56 -9.09
N TYR A 160 7.28 12.45 -9.89
CA TYR A 160 6.46 13.34 -10.71
C TYR A 160 5.65 12.61 -11.76
N ASN A 161 4.33 12.81 -11.73
CA ASN A 161 3.40 12.17 -12.64
C ASN A 161 3.40 10.64 -12.52
N PHE A 162 3.87 10.12 -11.39
CA PHE A 162 3.97 8.67 -11.24
C PHE A 162 2.68 7.88 -11.54
N GLU A 163 1.55 8.34 -11.01
CA GLU A 163 0.28 7.65 -11.22
C GLU A 163 -0.34 7.80 -12.63
N LYS A 164 0.13 8.77 -13.40
CA LYS A 164 -0.56 9.14 -14.67
C LYS A 164 -0.68 8.01 -15.70
N PRO A 165 0.44 7.36 -16.02
CA PRO A 165 0.39 6.23 -16.96
C PRO A 165 -0.55 5.15 -16.46
N PHE A 166 -0.47 4.82 -15.17
CA PHE A 166 -1.30 3.77 -14.57
C PHE A 166 -2.78 4.08 -14.62
N LEU A 167 -3.13 5.33 -14.33
CA LEU A 167 -4.52 5.75 -14.42
C LEU A 167 -5.08 5.69 -15.84
N TRP A 168 -4.29 6.12 -16.82
CA TRP A 168 -4.75 6.08 -18.22
C TRP A 168 -5.00 4.64 -18.67
N LEU A 169 -4.07 3.75 -18.35
CA LEU A 169 -4.21 2.34 -18.67
C LEU A 169 -5.38 1.69 -17.96
N ALA A 170 -5.62 2.09 -16.70
CA ALA A 170 -6.75 1.57 -15.93
C ALA A 170 -8.05 1.93 -16.63
N ARG A 171 -8.18 3.19 -16.99
CA ARG A 171 -9.38 3.64 -17.67
C ARG A 171 -9.58 2.93 -19.01
N LYS A 172 -8.49 2.58 -19.69
CA LYS A 172 -8.59 1.92 -20.99
C LYS A 172 -8.95 0.45 -20.83
N LEU A 173 -8.32 -0.21 -19.87
CA LEU A 173 -8.56 -1.64 -19.64
C LEU A 173 -9.95 -1.95 -19.05
N ILE A 174 -10.38 -1.16 -18.06
CA ILE A 174 -11.71 -1.40 -17.44
C ILE A 174 -12.84 -0.91 -18.35
N GLY A 175 -12.55 0.06 -19.21
CA GLY A 175 -13.55 0.61 -20.10
C GLY A 175 -14.42 1.56 -19.30
N ASP A 176 -13.79 2.37 -18.47
CA ASP A 176 -14.50 3.36 -17.65
C ASP A 176 -13.72 4.67 -17.63
N PRO A 177 -14.19 5.66 -18.39
CA PRO A 177 -13.51 6.95 -18.49
C PRO A 177 -13.50 7.71 -17.15
N ASN A 178 -14.41 7.34 -16.25
CA ASN A 178 -14.57 8.08 -15.00
C ASN A 178 -13.87 7.45 -13.80
N LEU A 179 -13.08 6.42 -14.07
CA LEU A 179 -12.30 5.76 -13.03
C LEU A 179 -11.31 6.74 -12.40
N GLU A 180 -11.21 6.73 -11.07
CA GLU A 180 -10.30 7.58 -10.34
C GLU A 180 -9.48 6.76 -9.34
N PHE A 181 -8.29 7.23 -8.99
CA PHE A 181 -7.56 6.63 -7.88
C PHE A 181 -8.00 7.35 -6.61
N VAL A 182 -8.48 6.61 -5.61
CA VAL A 182 -8.98 7.26 -4.39
C VAL A 182 -7.85 7.84 -3.54
N ALA A 183 -6.65 7.29 -3.70
CA ALA A 183 -5.47 7.72 -2.95
C ALA A 183 -4.19 7.32 -3.68
N MET A 184 -3.12 8.10 -3.54
CA MET A 184 -1.84 7.75 -4.14
C MET A 184 -1.25 6.55 -3.40
N PRO A 185 -0.52 5.67 -4.11
CA PRO A 185 0.12 4.57 -3.38
C PRO A 185 1.26 5.11 -2.53
N ALA A 186 1.67 4.39 -1.48
CA ALA A 186 2.85 4.75 -0.71
C ALA A 186 4.09 4.64 -1.60
N LEU A 187 4.76 5.75 -1.83
CA LEU A 187 5.94 5.77 -2.70
C LEU A 187 7.19 6.19 -1.95
N ALA A 188 8.35 5.76 -2.44
CA ALA A 188 9.63 6.24 -1.92
C ALA A 188 9.66 7.76 -2.00
N PRO A 189 10.12 8.43 -0.94
CA PRO A 189 10.22 9.89 -0.89
C PRO A 189 11.11 10.40 -2.03
N PRO A 190 10.75 11.53 -2.62
CA PRO A 190 11.53 12.03 -3.76
C PRO A 190 13.01 12.20 -3.39
N GLU A 191 13.90 11.86 -4.33
CA GLU A 191 15.32 12.05 -4.13
C GLU A 191 15.78 13.37 -4.75
N VAL A 192 14.96 13.91 -5.63
CA VAL A 192 15.16 15.26 -6.15
C VAL A 192 13.81 15.96 -6.12
N VAL A 193 13.83 17.28 -6.28
CA VAL A 193 12.59 18.05 -6.30
C VAL A 193 12.19 18.42 -7.73
N MET A 194 10.93 18.19 -8.07
CA MET A 194 10.39 18.63 -9.34
C MET A 194 9.89 20.07 -9.23
N ASP A 195 10.59 20.99 -9.87
CA ASP A 195 10.21 22.41 -9.83
C ASP A 195 8.78 22.61 -10.33
N PRO A 196 7.90 23.10 -9.46
CA PRO A 196 6.49 23.34 -9.81
C PRO A 196 6.35 24.21 -11.06
N ALA A 197 7.34 25.05 -11.33
CA ALA A 197 7.31 25.93 -12.48
C ALA A 197 7.63 25.16 -13.77
N LEU A 198 8.63 24.29 -13.70
CA LEU A 198 8.99 23.45 -14.82
C LEU A 198 7.83 22.52 -15.16
N ALA A 199 7.22 21.94 -14.12
CA ALA A 199 6.08 21.05 -14.33
C ALA A 199 4.98 21.80 -15.06
N ALA A 200 4.75 23.05 -14.65
CA ALA A 200 3.73 23.89 -15.26
C ALA A 200 4.05 24.21 -16.71
N GLN A 201 5.31 24.56 -16.99
CA GLN A 201 5.72 24.91 -18.34
C GLN A 201 5.75 23.69 -19.26
N TYR A 202 6.25 22.56 -18.75
CA TYR A 202 6.28 21.34 -19.54
C TYR A 202 4.88 20.85 -19.84
N GLU A 203 3.98 21.05 -18.88
CA GLU A 203 2.59 20.64 -19.02
C GLU A 203 1.89 21.49 -20.08
N HIS A 204 2.15 22.79 -20.05
CA HIS A 204 1.56 23.70 -21.01
C HIS A 204 2.16 23.47 -22.40
N ASP A 205 3.45 23.14 -22.42
CA ASP A 205 4.16 22.86 -23.66
C ASP A 205 3.52 21.69 -24.41
N LEU A 206 3.08 20.68 -23.68
CA LEU A 206 2.47 19.49 -24.28
C LEU A 206 1.07 19.78 -24.86
N GLU A 207 0.31 20.63 -24.19
CA GLU A 207 -1.00 21.03 -24.67
C GLU A 207 -0.88 21.92 -25.89
N VAL A 208 0.04 22.88 -25.82
CA VAL A 208 0.33 23.74 -26.96
C VAL A 208 0.67 22.87 -28.17
N ALA A 209 1.51 21.87 -27.94
CA ALA A 209 1.97 21.00 -29.01
C ALA A 209 0.85 20.11 -29.54
N GLN A 210 0.01 19.59 -28.63
CA GLN A 210 -1.10 18.73 -29.02
C GLN A 210 -2.05 19.44 -29.99
N THR A 211 -1.94 20.76 -30.07
CA THR A 211 -2.73 21.53 -31.04
C THR A 211 -1.85 21.98 -32.20
N THR A 212 -1.28 21.02 -32.91
CA THR A 212 -0.43 21.33 -34.04
C THR A 212 -0.39 20.16 -35.03
N GLY B 71 -10.96 -24.48 -15.54
CA GLY B 71 -10.65 -23.07 -15.28
C GLY B 71 -9.16 -22.79 -15.36
N THR B 72 -8.81 -21.56 -15.74
CA THR B 72 -7.42 -21.15 -15.88
C THR B 72 -6.71 -21.10 -14.53
N TRP B 73 -5.41 -20.85 -14.55
CA TRP B 73 -4.62 -20.82 -13.32
C TRP B 73 -3.48 -19.79 -13.35
N ASP B 74 -3.13 -19.27 -12.17
CA ASP B 74 -2.06 -18.29 -12.04
C ASP B 74 -0.70 -18.93 -11.80
N CYS B 75 0.31 -18.49 -12.54
CA CYS B 75 1.67 -18.97 -12.28
C CYS B 75 2.22 -18.36 -11.00
N ASP B 76 2.75 -19.22 -10.13
CA ASP B 76 3.28 -18.78 -8.86
C ASP B 76 4.62 -18.06 -9.02
N THR B 77 5.23 -18.19 -10.20
CA THR B 77 6.54 -17.60 -10.41
C THR B 77 6.48 -16.20 -10.99
N CYS B 78 5.69 -16.03 -12.06
CA CYS B 78 5.63 -14.75 -12.77
C CYS B 78 4.23 -14.13 -12.78
N LEU B 79 3.26 -14.83 -12.18
CA LEU B 79 1.90 -14.31 -12.05
C LEU B 79 1.07 -14.26 -13.34
N VAL B 80 1.59 -14.85 -14.42
CA VAL B 80 0.82 -14.89 -15.67
C VAL B 80 -0.32 -15.91 -15.56
N GLN B 81 -1.45 -15.60 -16.20
CA GLN B 81 -2.58 -16.52 -16.22
C GLN B 81 -2.49 -17.49 -17.39
N ASN B 82 -2.50 -18.78 -17.10
CA ASN B 82 -2.49 -19.81 -18.12
C ASN B 82 -3.83 -20.51 -18.21
N LYS B 83 -4.20 -20.98 -19.39
CA LYS B 83 -5.44 -21.73 -19.54
C LYS B 83 -5.29 -23.15 -18.96
N PRO B 84 -6.39 -23.70 -18.43
CA PRO B 84 -6.45 -24.93 -17.63
C PRO B 84 -5.71 -26.12 -18.25
N GLU B 85 -5.51 -26.08 -19.56
CA GLU B 85 -4.89 -27.19 -20.28
C GLU B 85 -3.36 -27.24 -20.12
N ALA B 86 -2.71 -26.07 -20.16
CA ALA B 86 -1.25 -25.99 -20.15
C ALA B 86 -0.61 -26.74 -18.98
N VAL B 87 0.57 -27.30 -19.23
CA VAL B 87 1.31 -28.02 -18.19
C VAL B 87 2.33 -27.10 -17.49
N LYS B 88 2.97 -26.24 -18.28
CA LYS B 88 3.92 -25.27 -17.75
C LYS B 88 3.51 -23.86 -18.16
N CYS B 89 4.06 -22.86 -17.49
CA CYS B 89 3.69 -21.47 -17.80
C CYS B 89 4.17 -21.07 -19.19
N VAL B 90 3.25 -20.57 -19.99
CA VAL B 90 3.53 -20.16 -21.36
C VAL B 90 4.56 -19.04 -21.39
N ALA B 91 4.79 -18.41 -20.26
CA ALA B 91 5.72 -17.29 -20.21
C ALA B 91 7.10 -17.68 -19.73
N CYS B 92 7.15 -18.23 -18.51
CA CYS B 92 8.44 -18.52 -17.87
C CYS B 92 8.75 -20.02 -17.81
N GLU B 93 7.94 -20.83 -18.46
CA GLU B 93 8.18 -22.27 -18.56
C GLU B 93 8.16 -23.00 -17.23
N THR B 94 7.64 -22.32 -16.19
CA THR B 94 7.53 -22.92 -14.87
C THR B 94 6.33 -23.88 -14.81
N PRO B 95 6.58 -25.11 -14.35
CA PRO B 95 5.57 -26.17 -14.25
C PRO B 95 4.46 -25.82 -13.26
N LYS B 96 3.26 -26.34 -13.51
CA LYS B 96 2.11 -26.11 -12.63
C LYS B 96 2.21 -26.93 -11.34
N PRO B 97 2.00 -26.26 -10.20
CA PRO B 97 2.05 -26.93 -8.88
C PRO B 97 1.06 -28.09 -8.79
N PRO C 12 10.81 -14.62 5.13
CA PRO C 12 10.36 -14.36 6.51
C PRO C 12 9.84 -12.93 6.65
N GLN C 13 8.53 -12.75 6.51
CA GLN C 13 7.93 -11.43 6.62
C GLN C 13 7.71 -11.06 8.08
N VAL C 14 8.17 -9.88 8.48
CA VAL C 14 7.94 -9.39 9.84
C VAL C 14 6.46 -8.99 10.04
N GLN C 15 5.75 -9.75 10.85
CA GLN C 15 4.36 -9.39 11.17
C GLN C 15 3.97 -9.60 12.64
N PHE C 16 2.98 -8.83 13.10
CA PHE C 16 2.50 -8.89 14.48
C PHE C 16 0.99 -8.95 14.53
N LYS C 17 0.45 -9.85 15.37
CA LYS C 17 -0.97 -9.78 15.70
C LYS C 17 -1.25 -8.60 16.63
N LEU C 18 -2.12 -7.71 16.19
CA LEU C 18 -2.52 -6.56 16.98
C LEU C 18 -4.01 -6.67 17.27
N VAL C 19 -4.37 -6.68 18.55
CA VAL C 19 -5.81 -6.67 18.90
C VAL C 19 -6.31 -5.25 19.17
N LEU C 20 -7.44 -4.91 18.56
CA LEU C 20 -7.99 -3.57 18.64
C LEU C 20 -9.27 -3.65 19.48
N VAL C 21 -9.21 -3.19 20.72
CA VAL C 21 -10.34 -3.34 21.65
C VAL C 21 -10.82 -2.01 22.19
N GLY C 22 -12.02 -2.03 22.75
CA GLY C 22 -12.66 -0.85 23.32
C GLY C 22 -14.17 -1.00 23.16
N ASP C 23 -14.94 -0.11 23.79
CA ASP C 23 -16.40 -0.23 23.81
C ASP C 23 -16.99 -0.14 22.41
N GLY C 24 -18.20 -0.68 22.22
CA GLY C 24 -18.90 -0.52 20.96
C GLY C 24 -19.13 0.96 20.70
N GLY C 25 -19.11 1.37 19.43
CA GLY C 25 -19.35 2.77 19.11
C GLY C 25 -18.17 3.71 19.25
N THR C 26 -17.00 3.21 19.69
CA THR C 26 -15.82 4.08 19.85
C THR C 26 -15.07 4.40 18.54
N GLY C 27 -15.27 3.59 17.49
CA GLY C 27 -14.73 3.88 16.17
C GLY C 27 -13.64 2.91 15.72
N LYS C 28 -13.60 1.74 16.33
CA LYS C 28 -12.54 0.79 16.03
C LYS C 28 -12.55 0.36 14.56
N THR C 29 -13.74 0.07 14.03
CA THR C 29 -13.88 -0.37 12.64
C THR C 29 -13.53 0.74 11.68
N THR C 30 -14.10 1.90 11.92
CA THR C 30 -13.83 3.07 11.12
C THR C 30 -12.31 3.29 11.05
N PHE C 31 -11.67 3.21 12.22
CA PHE C 31 -10.22 3.36 12.31
C PHE C 31 -9.41 2.35 11.45
N VAL C 32 -9.64 1.06 11.65
CA VAL C 32 -8.83 0.05 10.95
C VAL C 32 -9.01 0.16 9.44
N LYS C 33 -10.24 0.48 9.04
CA LYS C 33 -10.60 0.61 7.63
C LYS C 33 -9.93 1.76 6.87
N ARG C 34 -9.29 2.70 7.59
CA ARG C 34 -8.61 3.80 6.89
C ARG C 34 -7.53 3.28 5.93
N HIS C 35 -6.88 2.19 6.31
CA HIS C 35 -5.80 1.58 5.57
C HIS C 35 -6.34 0.81 4.35
N LEU C 36 -6.18 1.37 3.16
CA LEU C 36 -6.85 0.82 1.98
C LEU C 36 -6.48 -0.63 1.63
N THR C 37 -5.19 -0.96 1.65
CA THR C 37 -4.75 -2.31 1.31
C THR C 37 -5.20 -3.29 2.38
N GLY C 38 -5.14 -2.85 3.64
CA GLY C 38 -5.57 -3.66 4.76
C GLY C 38 -7.05 -3.99 4.63
N GLU C 39 -7.81 -3.06 4.06
CA GLU C 39 -9.24 -3.34 3.87
C GLU C 39 -9.44 -4.27 2.67
N SER C 40 -8.70 -4.05 1.59
CA SER C 40 -8.87 -4.88 0.38
C SER C 40 -8.37 -6.32 0.56
N GLU C 41 -7.43 -6.49 1.49
CA GLU C 41 -6.85 -7.80 1.73
C GLU C 41 -7.31 -8.43 3.04
N LYS C 42 -8.38 -7.91 3.64
CA LYS C 42 -8.82 -8.40 4.94
C LYS C 42 -9.31 -9.85 4.86
N LYS C 43 -9.12 -10.58 5.95
CA LYS C 43 -9.57 -11.97 6.03
C LYS C 43 -10.69 -12.13 7.04
N TYR C 44 -11.77 -12.82 6.65
CA TYR C 44 -12.86 -13.05 7.62
C TYR C 44 -12.65 -14.36 8.37
N VAL C 45 -12.66 -14.29 9.69
CA VAL C 45 -12.55 -15.48 10.54
C VAL C 45 -13.93 -15.80 11.14
N ALA C 46 -14.61 -16.76 10.53
CA ALA C 46 -16.01 -17.03 10.85
C ALA C 46 -16.21 -17.61 12.24
N THR C 47 -15.28 -18.46 12.66
CA THR C 47 -15.40 -19.07 13.98
C THR C 47 -15.43 -18.02 15.11
N LEU C 48 -14.71 -16.92 14.91
CA LEU C 48 -14.54 -15.93 15.96
C LEU C 48 -15.31 -14.64 15.69
N GLY C 49 -15.90 -14.52 14.52
CA GLY C 49 -16.55 -13.28 14.13
C GLY C 49 -15.57 -12.13 14.18
N VAL C 50 -14.53 -12.22 13.34
CA VAL C 50 -13.46 -11.24 13.32
C VAL C 50 -13.03 -10.97 11.88
N GLU C 51 -12.64 -9.73 11.60
CA GLU C 51 -11.98 -9.44 10.34
C GLU C 51 -10.54 -9.07 10.64
N VAL C 52 -9.59 -9.77 10.02
CA VAL C 52 -8.17 -9.48 10.23
C VAL C 52 -7.64 -8.64 9.06
N HIS C 53 -7.08 -7.48 9.37
CA HIS C 53 -6.67 -6.51 8.36
C HIS C 53 -5.16 -6.50 8.35
N PRO C 54 -4.54 -6.98 7.26
CA PRO C 54 -3.08 -6.95 7.20
C PRO C 54 -2.62 -5.56 6.78
N LEU C 55 -2.08 -4.78 7.73
CA LEU C 55 -1.67 -3.40 7.46
C LEU C 55 -0.17 -3.31 7.35
N VAL C 56 0.31 -3.10 6.14
CA VAL C 56 1.75 -2.94 5.92
C VAL C 56 2.17 -1.50 6.15
N PHE C 57 3.30 -1.31 6.84
CA PHE C 57 3.89 0.00 6.95
C PHE C 57 5.32 -0.17 6.47
N HIS C 58 5.82 0.79 5.69
CA HIS C 58 7.20 0.70 5.18
C HIS C 58 8.15 1.50 6.06
N THR C 59 9.13 0.80 6.66
CA THR C 59 10.01 1.45 7.63
C THR C 59 11.43 1.52 7.09
N ASN C 60 12.31 2.21 7.81
CA ASN C 60 13.69 2.32 7.36
C ASN C 60 14.43 1.00 7.54
N ARG C 61 13.80 0.05 8.22
CA ARG C 61 14.32 -1.32 8.32
C ARG C 61 13.58 -2.26 7.37
N GLY C 62 12.73 -1.70 6.51
CA GLY C 62 11.92 -2.51 5.61
C GLY C 62 10.46 -2.58 6.05
N PRO C 63 9.68 -3.46 5.40
CA PRO C 63 8.24 -3.56 5.65
C PRO C 63 7.92 -4.21 6.99
N ILE C 64 6.90 -3.71 7.67
CA ILE C 64 6.36 -4.46 8.79
C ILE C 64 4.84 -4.51 8.69
N LYS C 65 4.29 -5.67 9.00
CA LYS C 65 2.86 -5.90 8.86
C LYS C 65 2.15 -6.05 10.24
N PHE C 66 1.16 -5.21 10.49
CA PHE C 66 0.29 -5.37 11.66
C PHE C 66 -1.00 -6.06 11.24
N ASN C 67 -1.20 -7.29 11.69
CA ASN C 67 -2.44 -7.98 11.44
C ASN C 67 -3.49 -7.60 12.50
N VAL C 68 -4.34 -6.65 12.15
CA VAL C 68 -5.24 -6.05 13.13
C VAL C 68 -6.53 -6.82 13.22
N TRP C 69 -6.83 -7.30 14.43
CA TRP C 69 -8.08 -8.01 14.67
C TRP C 69 -9.24 -7.08 15.05
N ASP C 70 -10.18 -6.92 14.14
CA ASP C 70 -11.39 -6.14 14.38
C ASP C 70 -12.63 -7.00 14.62
N THR C 71 -13.38 -6.71 15.68
CA THR C 71 -14.61 -7.43 16.00
C THR C 71 -15.72 -7.21 14.98
N ALA C 72 -16.77 -8.01 15.10
CA ALA C 72 -18.03 -7.76 14.40
C ALA C 72 -19.13 -7.25 15.35
N GLY C 73 -18.75 -6.45 16.34
CA GLY C 73 -19.66 -5.79 17.26
C GLY C 73 -19.98 -6.52 18.56
N GLN C 74 -19.43 -7.72 18.73
CA GLN C 74 -19.76 -8.55 19.91
C GLN C 74 -19.39 -7.92 21.25
N GLU C 75 -18.48 -6.96 21.21
CA GLU C 75 -18.03 -6.26 22.40
C GLU C 75 -19.17 -5.48 23.07
N LYS C 76 -20.25 -5.24 22.33
CA LYS C 76 -21.41 -4.53 22.90
C LYS C 76 -22.14 -5.40 23.92
N PHE C 77 -21.93 -6.71 23.85
CA PHE C 77 -22.76 -7.64 24.62
C PHE C 77 -21.99 -8.40 25.69
N GLY C 78 -20.68 -8.17 25.77
CA GLY C 78 -19.88 -8.79 26.81
C GLY C 78 -18.41 -8.73 26.47
N GLY C 79 -17.58 -9.39 27.29
CA GLY C 79 -16.17 -9.53 26.97
C GLY C 79 -15.92 -10.41 25.75
N LEU C 80 -14.76 -10.27 25.15
CA LEU C 80 -14.41 -11.08 23.98
C LEU C 80 -13.86 -12.44 24.38
N ARG C 81 -14.06 -13.45 23.54
CA ARG C 81 -13.60 -14.81 23.80
C ARG C 81 -12.08 -14.93 23.74
N ASP C 82 -11.52 -15.97 24.38
CA ASP C 82 -10.07 -16.17 24.45
C ASP C 82 -9.40 -16.21 23.09
N GLY C 83 -10.02 -16.90 22.14
CA GLY C 83 -9.48 -17.02 20.81
C GLY C 83 -9.19 -15.68 20.16
N TYR C 84 -9.95 -14.66 20.55
CA TYR C 84 -9.73 -13.33 20.00
C TYR C 84 -8.36 -12.79 20.43
N TYR C 85 -8.02 -13.01 21.70
CA TYR C 85 -6.82 -12.42 22.27
C TYR C 85 -5.58 -13.25 21.99
N ILE C 86 -5.76 -14.55 21.76
CA ILE C 86 -4.64 -15.48 21.82
C ILE C 86 -3.50 -15.16 20.85
N GLN C 87 -2.28 -15.17 21.39
CA GLN C 87 -1.07 -14.86 20.63
C GLN C 87 -1.01 -13.41 20.14
N ALA C 88 -1.78 -12.53 20.77
CA ALA C 88 -1.65 -11.12 20.42
C ALA C 88 -0.26 -10.66 20.84
N GLN C 89 0.37 -9.82 20.02
CA GLN C 89 1.72 -9.36 20.34
C GLN C 89 1.69 -7.89 20.73
N CYS C 90 0.56 -7.22 20.48
CA CYS C 90 0.40 -5.81 20.81
C CYS C 90 -1.09 -5.46 20.74
N ALA C 91 -1.46 -4.28 21.19
CA ALA C 91 -2.87 -3.89 21.24
C ALA C 91 -3.05 -2.39 21.15
N ILE C 92 -4.24 -2.00 20.70
CA ILE C 92 -4.70 -0.64 20.89
C ILE C 92 -6.01 -0.71 21.70
N ILE C 93 -6.07 0.05 22.79
CA ILE C 93 -7.33 0.25 23.49
C ILE C 93 -7.91 1.60 23.06
N MET C 94 -9.14 1.58 22.55
CA MET C 94 -9.76 2.79 22.07
C MET C 94 -10.92 3.20 22.95
N PHE C 95 -11.07 4.51 23.15
CA PHE C 95 -12.30 5.07 23.66
C PHE C 95 -12.72 6.28 22.81
N ASP C 96 -13.84 6.88 23.20
CA ASP C 96 -14.46 7.95 22.46
C ASP C 96 -14.43 9.22 23.32
N VAL C 97 -13.77 10.26 22.85
CA VAL C 97 -13.64 11.47 23.66
C VAL C 97 -14.94 12.28 23.81
N THR C 98 -16.01 11.84 23.15
CA THR C 98 -17.32 12.46 23.34
C THR C 98 -18.20 11.62 24.27
N SER C 99 -17.66 10.52 24.77
CA SER C 99 -18.42 9.61 25.62
C SER C 99 -17.62 9.15 26.83
N ARG C 100 -17.85 9.83 27.95
CA ARG C 100 -17.07 9.63 29.16
C ARG C 100 -17.10 8.19 29.67
N VAL C 101 -18.21 7.49 29.48
CA VAL C 101 -18.29 6.10 29.93
C VAL C 101 -17.35 5.15 29.15
N THR C 102 -17.07 5.45 27.89
CA THR C 102 -16.11 4.62 27.15
C THR C 102 -14.72 4.74 27.74
N TYR C 103 -14.40 5.92 28.27
CA TYR C 103 -13.13 6.08 28.99
C TYR C 103 -13.16 5.36 30.33
N LYS C 104 -14.32 5.39 30.99
CA LYS C 104 -14.50 4.70 32.26
C LYS C 104 -14.26 3.20 32.10
N ASN C 105 -14.62 2.66 30.94
CA ASN C 105 -14.45 1.23 30.69
C ASN C 105 -13.04 0.82 30.27
N VAL C 106 -12.16 1.79 30.07
CA VAL C 106 -10.78 1.49 29.66
C VAL C 106 -10.06 0.51 30.61
N PRO C 107 -10.11 0.76 31.95
CA PRO C 107 -9.51 -0.20 32.89
C PRO C 107 -9.99 -1.64 32.69
N ASN C 108 -11.29 -1.82 32.45
CA ASN C 108 -11.85 -3.13 32.17
C ASN C 108 -11.22 -3.80 30.94
N TRP C 109 -11.05 -3.03 29.87
CA TRP C 109 -10.50 -3.59 28.65
C TRP C 109 -9.06 -4.00 28.89
N HIS C 110 -8.33 -3.14 29.59
CA HIS C 110 -6.93 -3.42 29.88
C HIS C 110 -6.85 -4.70 30.70
N ARG C 111 -7.70 -4.80 31.72
CA ARG C 111 -7.78 -5.97 32.57
C ARG C 111 -7.99 -7.27 31.78
N ASP C 112 -8.99 -7.27 30.90
CA ASP C 112 -9.28 -8.43 30.04
C ASP C 112 -8.09 -8.82 29.18
N LEU C 113 -7.50 -7.82 28.53
CA LEU C 113 -6.36 -8.01 27.65
C LEU C 113 -5.18 -8.63 28.39
N VAL C 114 -4.80 -8.00 29.51
CA VAL C 114 -3.62 -8.39 30.26
C VAL C 114 -3.77 -9.75 30.97
N ARG C 115 -5.00 -10.16 31.22
CA ARG C 115 -5.26 -11.49 31.74
C ARG C 115 -4.79 -12.59 30.77
N VAL C 116 -5.02 -12.38 29.47
CA VAL C 116 -4.69 -13.39 28.45
C VAL C 116 -3.31 -13.20 27.81
N CYS C 117 -2.89 -11.95 27.64
CA CYS C 117 -1.67 -11.67 26.89
C CYS C 117 -0.45 -11.27 27.75
N GLU C 118 -0.70 -10.78 28.95
CA GLU C 118 0.39 -10.35 29.82
C GLU C 118 1.18 -9.16 29.27
N ASN C 119 2.48 -9.40 29.11
CA ASN C 119 3.47 -8.36 28.82
C ASN C 119 3.58 -7.89 27.36
N ILE C 120 2.51 -7.33 26.82
CA ILE C 120 2.58 -6.81 25.45
C ILE C 120 2.45 -5.30 25.46
N PRO C 121 3.11 -4.64 24.50
CA PRO C 121 2.99 -3.18 24.37
C PRO C 121 1.57 -2.77 23.98
N ILE C 122 1.07 -1.71 24.58
CA ILE C 122 -0.31 -1.28 24.37
C ILE C 122 -0.35 0.23 24.19
N VAL C 123 -1.13 0.70 23.22
CA VAL C 123 -1.33 2.13 23.06
C VAL C 123 -2.79 2.45 23.40
N LEU C 124 -2.99 3.54 24.14
CA LEU C 124 -4.33 4.03 24.41
C LEU C 124 -4.64 5.14 23.43
N CYS C 125 -5.81 5.06 22.81
CA CYS C 125 -6.21 6.03 21.78
C CYS C 125 -7.56 6.62 22.11
N GLY C 126 -7.62 7.96 22.16
CA GLY C 126 -8.89 8.63 22.33
C GLY C 126 -9.38 9.12 20.98
N ASN C 127 -10.45 8.50 20.49
CA ASN C 127 -11.00 8.76 19.15
C ASN C 127 -12.04 9.89 19.11
N LYS C 128 -12.34 10.35 17.89
CA LYS C 128 -13.35 11.39 17.59
C LYS C 128 -12.97 12.81 17.97
N VAL C 129 -11.67 13.10 18.04
CA VAL C 129 -11.26 14.45 18.41
C VAL C 129 -11.62 15.52 17.36
N ASP C 130 -12.15 15.11 16.21
CA ASP C 130 -12.66 16.07 15.23
C ASP C 130 -13.91 16.80 15.73
N ILE C 131 -14.61 16.17 16.65
CA ILE C 131 -15.83 16.74 17.23
C ILE C 131 -15.55 17.85 18.25
N LYS C 132 -16.08 19.04 17.99
CA LYS C 132 -15.79 20.20 18.84
C LYS C 132 -16.22 20.05 20.31
N ASP C 133 -17.43 19.55 20.53
CA ASP C 133 -17.94 19.36 21.89
C ASP C 133 -17.33 18.13 22.56
N ARG C 134 -16.04 18.23 22.84
CA ARG C 134 -15.28 17.14 23.43
C ARG C 134 -15.59 17.03 24.92
N LYS C 135 -15.84 15.82 25.39
CA LYS C 135 -16.18 15.61 26.80
C LYS C 135 -15.00 15.14 27.64
N VAL C 136 -14.20 14.22 27.10
CA VAL C 136 -13.03 13.73 27.81
C VAL C 136 -11.78 14.45 27.33
N LYS C 137 -11.29 15.37 28.16
CA LYS C 137 -10.22 16.27 27.77
C LYS C 137 -8.89 15.79 28.33
N ALA C 138 -7.81 16.37 27.83
CA ALA C 138 -6.46 15.99 28.22
C ALA C 138 -6.31 15.82 29.72
N LYS C 139 -6.63 16.86 30.47
CA LYS C 139 -6.56 16.85 31.92
C LYS C 139 -7.15 15.57 32.53
N SER C 140 -8.27 15.10 31.97
CA SER C 140 -8.95 13.91 32.49
C SER C 140 -8.34 12.58 32.04
N ILE C 141 -7.46 12.61 31.04
CA ILE C 141 -6.91 11.37 30.52
C ILE C 141 -5.66 10.95 31.30
N VAL C 142 -5.85 9.97 32.18
CA VAL C 142 -4.87 9.65 33.20
C VAL C 142 -4.49 8.17 33.29
N PHE C 143 -5.28 7.31 32.65
CA PHE C 143 -5.08 5.87 32.78
C PHE C 143 -3.72 5.38 32.29
N HIS C 144 -3.22 5.97 31.22
CA HIS C 144 -1.98 5.50 30.59
C HIS C 144 -0.77 5.82 31.46
N ARG C 145 -0.77 7.00 32.06
CA ARG C 145 0.30 7.38 32.97
C ARG C 145 0.32 6.44 34.17
N LYS C 146 -0.87 6.10 34.65
CA LYS C 146 -1.02 5.19 35.78
C LYS C 146 -0.43 3.81 35.49
N LYS C 147 -0.50 3.38 34.24
CA LYS C 147 -0.03 2.04 33.86
C LYS C 147 1.15 2.08 32.89
N ASN C 148 1.76 3.25 32.75
CA ASN C 148 2.95 3.42 31.93
C ASN C 148 2.74 3.03 30.45
N LEU C 149 1.62 3.49 29.87
CA LEU C 149 1.27 3.25 28.47
C LEU C 149 1.45 4.52 27.65
N GLN C 150 1.47 4.39 26.33
CA GLN C 150 1.52 5.57 25.47
C GLN C 150 0.10 5.97 25.10
N TYR C 151 -0.16 7.28 25.02
CA TYR C 151 -1.50 7.76 24.67
C TYR C 151 -1.46 8.66 23.41
N TYR C 152 -2.48 8.56 22.55
CA TYR C 152 -2.66 9.50 21.43
C TYR C 152 -4.12 9.92 21.26
N ASP C 153 -4.35 11.21 20.97
CA ASP C 153 -5.62 11.67 20.43
C ASP C 153 -5.66 11.15 18.98
N ILE C 154 -6.81 10.70 18.51
CA ILE C 154 -6.94 10.36 17.10
C ILE C 154 -8.30 10.76 16.55
N SER C 155 -8.38 10.92 15.24
CA SER C 155 -9.67 11.04 14.58
C SER C 155 -9.66 10.11 13.38
N ALA C 156 -10.32 8.97 13.52
CA ALA C 156 -10.38 7.96 12.47
C ALA C 156 -10.90 8.58 11.18
N LYS C 157 -11.93 9.41 11.30
CA LYS C 157 -12.61 9.94 10.11
C LYS C 157 -11.79 10.98 9.33
N SER C 158 -10.78 11.55 9.97
CA SER C 158 -9.92 12.52 9.29
C SER C 158 -8.48 12.03 9.15
N ASN C 159 -8.23 10.78 9.51
CA ASN C 159 -6.87 10.23 9.48
C ASN C 159 -5.89 10.89 10.46
N TYR C 160 -6.38 11.71 11.37
CA TYR C 160 -5.54 12.45 12.30
C TYR C 160 -4.82 11.50 13.25
N ASN C 161 -3.49 11.60 13.24
CA ASN C 161 -2.59 10.76 14.04
C ASN C 161 -2.72 9.27 13.74
N PHE C 162 -3.16 8.93 12.53
CA PHE C 162 -3.40 7.53 12.20
C PHE C 162 -2.17 6.64 12.41
N GLU C 163 -1.02 7.13 11.97
CA GLU C 163 0.20 6.31 12.01
C GLU C 163 0.79 6.18 13.42
N LYS C 164 0.44 7.12 14.30
CA LYS C 164 1.12 7.23 15.61
C LYS C 164 1.16 5.95 16.48
N PRO C 165 0.00 5.34 16.73
CA PRO C 165 0.02 4.12 17.53
C PRO C 165 0.93 3.04 16.91
N PHE C 166 0.82 2.87 15.59
CA PHE C 166 1.62 1.87 14.88
C PHE C 166 3.11 2.14 14.93
N LEU C 167 3.52 3.40 14.81
CA LEU C 167 4.94 3.71 14.95
C LEU C 167 5.51 3.42 16.35
N TRP C 168 4.75 3.79 17.39
CA TRP C 168 5.20 3.57 18.78
C TRP C 168 5.34 2.08 19.05
N LEU C 169 4.31 1.33 18.66
CA LEU C 169 4.35 -0.12 18.78
C LEU C 169 5.51 -0.73 17.99
N ALA C 170 5.72 -0.27 16.75
CA ALA C 170 6.83 -0.83 15.95
C ALA C 170 8.19 -0.64 16.63
N ARG C 171 8.40 0.56 17.18
CA ARG C 171 9.66 0.84 17.84
C ARG C 171 9.83 -0.06 19.05
N LYS C 172 8.72 -0.31 19.76
CA LYS C 172 8.72 -1.16 20.95
C LYS C 172 8.95 -2.62 20.62
N LEU C 173 8.30 -3.10 19.56
CA LEU C 173 8.41 -4.51 19.18
C LEU C 173 9.78 -4.82 18.58
N ILE C 174 10.22 -3.97 17.66
CA ILE C 174 11.49 -4.20 17.00
C ILE C 174 12.65 -3.89 17.96
N GLY C 175 12.40 -3.04 18.95
CA GLY C 175 13.45 -2.68 19.88
C GLY C 175 14.42 -1.68 19.26
N ASP C 176 13.87 -0.74 18.49
CA ASP C 176 14.69 0.27 17.82
C ASP C 176 13.98 1.62 17.90
N PRO C 177 14.46 2.48 18.81
CA PRO C 177 13.84 3.79 19.06
C PRO C 177 13.97 4.73 17.86
N ASN C 178 14.83 4.39 16.89
CA ASN C 178 15.11 5.30 15.77
C ASN C 178 14.41 4.87 14.49
N LEU C 179 13.56 3.86 14.63
CA LEU C 179 12.80 3.34 13.53
C LEU C 179 11.86 4.42 13.04
N GLU C 180 11.72 4.56 11.72
CA GLU C 180 10.83 5.55 11.16
C GLU C 180 10.00 4.90 10.07
N PHE C 181 8.86 5.50 9.75
CA PHE C 181 8.08 5.11 8.57
C PHE C 181 8.59 5.97 7.42
N VAL C 182 8.97 5.34 6.31
CA VAL C 182 9.52 6.10 5.19
C VAL C 182 8.42 6.85 4.45
N ALA C 183 7.20 6.34 4.52
CA ALA C 183 6.08 6.97 3.83
C ALA C 183 4.78 6.52 4.47
N MET C 184 3.77 7.38 4.49
CA MET C 184 2.45 7.01 5.02
C MET C 184 1.79 5.99 4.10
N PRO C 185 1.04 5.04 4.68
CA PRO C 185 0.30 4.09 3.84
C PRO C 185 -0.81 4.84 3.11
N ALA C 186 -1.30 4.25 2.03
CA ALA C 186 -2.43 4.83 1.31
C ALA C 186 -3.69 4.71 2.16
N LEU C 187 -4.26 5.85 2.54
CA LEU C 187 -5.44 5.90 3.41
C LEU C 187 -6.64 6.43 2.64
N ALA C 188 -7.84 5.95 2.97
CA ALA C 188 -9.06 6.61 2.50
C ALA C 188 -9.00 8.12 2.81
N PRO C 189 -9.46 8.95 1.88
CA PRO C 189 -9.48 10.41 2.05
C PRO C 189 -10.34 10.80 3.25
N PRO C 190 -9.94 11.83 4.01
CA PRO C 190 -10.70 12.21 5.21
C PRO C 190 -12.16 12.48 4.87
N GLU C 191 -13.07 11.99 5.71
CA GLU C 191 -14.50 12.25 5.50
C GLU C 191 -14.95 13.51 6.24
N VAL C 192 -14.19 13.91 7.26
CA VAL C 192 -14.38 15.18 7.94
C VAL C 192 -13.03 15.90 8.01
N VAL C 193 -13.08 17.22 8.23
CA VAL C 193 -11.86 17.99 8.38
C VAL C 193 -11.44 18.07 9.85
N MET C 194 -10.17 17.79 10.11
CA MET C 194 -9.62 18.01 11.44
C MET C 194 -9.12 19.43 11.47
N ASP C 195 -9.86 20.31 12.15
CA ASP C 195 -9.45 21.70 12.27
C ASP C 195 -8.04 21.82 12.82
N PRO C 196 -7.12 22.36 12.00
CA PRO C 196 -5.70 22.56 12.38
C PRO C 196 -5.55 23.29 13.72
N ALA C 197 -6.41 24.28 13.98
CA ALA C 197 -6.36 25.04 15.22
C ALA C 197 -6.78 24.17 16.40
N LEU C 198 -7.87 23.44 16.23
CA LEU C 198 -8.32 22.46 17.20
C LEU C 198 -7.20 21.47 17.52
N ALA C 199 -6.57 20.96 16.47
CA ALA C 199 -5.49 19.98 16.64
C ALA C 199 -4.35 20.56 17.47
N ALA C 200 -3.94 21.76 17.12
CA ALA C 200 -2.90 22.47 17.86
C ALA C 200 -3.32 22.70 19.32
N GLN C 201 -4.57 23.06 19.55
CA GLN C 201 -5.07 23.29 20.91
C GLN C 201 -5.00 21.99 21.75
N TYR C 202 -5.48 20.88 21.18
CA TYR C 202 -5.49 19.60 21.89
C TYR C 202 -4.08 19.08 22.19
N GLU C 203 -3.16 19.29 21.25
CA GLU C 203 -1.77 18.88 21.40
C GLU C 203 -1.14 19.67 22.54
N HIS C 204 -1.42 20.97 22.54
CA HIS C 204 -1.01 21.83 23.63
C HIS C 204 -1.54 21.30 24.96
N ASP C 205 -2.86 21.07 25.03
CA ASP C 205 -3.48 20.59 26.26
C ASP C 205 -2.83 19.32 26.77
N LEU C 206 -2.42 18.44 25.85
CA LEU C 206 -1.81 17.16 26.22
C LEU C 206 -0.45 17.35 26.86
N GLU C 207 0.34 18.25 26.30
CA GLU C 207 1.69 18.49 26.82
C GLU C 207 1.62 19.14 28.20
N VAL C 208 0.75 20.12 28.35
CA VAL C 208 0.50 20.72 29.66
C VAL C 208 0.22 19.66 30.71
N ALA C 209 -0.81 18.85 30.48
CA ALA C 209 -1.20 17.82 31.42
C ALA C 209 -0.05 16.86 31.71
N GLN C 210 0.77 16.61 30.70
CA GLN C 210 1.84 15.63 30.78
C GLN C 210 2.91 16.04 31.80
N THR C 211 2.81 17.27 32.30
CA THR C 211 3.73 17.77 33.30
C THR C 211 3.04 18.07 34.63
N THR C 212 2.18 17.15 35.08
CA THR C 212 1.43 17.34 36.32
C THR C 212 0.97 15.99 36.88
N ALA C 213 0.64 15.93 38.16
CA ALA C 213 0.17 14.68 38.76
C ALA C 213 -1.29 14.75 39.19
N GLY D 71 9.48 -26.61 11.21
CA GLY D 71 9.34 -25.21 11.56
C GLY D 71 7.88 -24.81 11.70
N THR D 72 7.65 -23.62 12.23
CA THR D 72 6.29 -23.13 12.44
C THR D 72 5.53 -22.95 11.13
N TRP D 73 4.25 -22.62 11.24
CA TRP D 73 3.41 -22.37 10.07
C TRP D 73 2.36 -21.31 10.37
N ASP D 74 1.97 -20.55 9.35
CA ASP D 74 0.98 -19.48 9.53
C ASP D 74 -0.40 -19.93 9.10
N CYS D 75 -1.41 -19.65 9.93
CA CYS D 75 -2.79 -19.97 9.58
C CYS D 75 -3.24 -19.11 8.40
N ASP D 76 -3.79 -19.78 7.38
CA ASP D 76 -4.24 -19.12 6.17
C ASP D 76 -5.57 -18.40 6.39
N THR D 77 -6.21 -18.66 7.52
CA THR D 77 -7.50 -18.04 7.83
C THR D 77 -7.34 -16.75 8.64
N CYS D 78 -6.53 -16.81 9.70
CA CYS D 78 -6.43 -15.67 10.65
C CYS D 78 -5.00 -15.12 10.78
N LEU D 79 -4.06 -15.76 10.09
CA LEU D 79 -2.66 -15.32 10.02
C LEU D 79 -1.81 -15.54 11.27
N VAL D 80 -2.39 -16.17 12.30
CA VAL D 80 -1.64 -16.48 13.53
C VAL D 80 -0.52 -17.50 13.25
N GLN D 81 0.66 -17.28 13.83
CA GLN D 81 1.76 -18.23 13.73
C GLN D 81 1.51 -19.43 14.64
N ASN D 82 1.61 -20.63 14.09
CA ASN D 82 1.37 -21.83 14.89
C ASN D 82 2.59 -22.74 15.03
N LYS D 83 2.57 -23.56 16.08
CA LYS D 83 3.57 -24.61 16.29
C LYS D 83 3.52 -25.64 15.16
N PRO D 84 4.68 -26.22 14.82
CA PRO D 84 4.76 -27.28 13.82
C PRO D 84 4.02 -28.53 14.30
N GLU D 85 3.94 -28.67 15.61
CA GLU D 85 3.27 -29.81 16.24
C GLU D 85 1.75 -29.64 16.27
N ALA D 86 1.26 -28.44 15.98
CA ALA D 86 -0.17 -28.15 15.98
C ALA D 86 -0.84 -28.63 14.69
N VAL D 87 -1.98 -29.30 14.83
CA VAL D 87 -2.69 -29.82 13.66
C VAL D 87 -3.78 -28.84 13.19
N LYS D 88 -4.12 -27.89 14.05
CA LYS D 88 -5.03 -26.83 13.66
C LYS D 88 -4.68 -25.54 14.39
N CYS D 89 -5.19 -24.42 13.89
CA CYS D 89 -4.84 -23.10 14.43
C CYS D 89 -5.31 -22.92 15.87
N VAL D 90 -4.39 -22.54 16.74
CA VAL D 90 -4.68 -22.34 18.15
C VAL D 90 -5.73 -21.24 18.40
N ALA D 91 -5.93 -20.37 17.41
CA ALA D 91 -6.88 -19.27 17.57
C ALA D 91 -8.24 -19.57 16.95
N CYS D 92 -8.26 -19.88 15.66
CA CYS D 92 -9.52 -20.02 14.94
C CYS D 92 -9.95 -21.47 14.66
N GLU D 93 -9.08 -22.42 14.97
CA GLU D 93 -9.40 -23.84 14.78
C GLU D 93 -9.20 -24.37 13.36
N THR D 94 -8.85 -23.49 12.44
CA THR D 94 -8.64 -23.91 11.06
C THR D 94 -7.58 -25.00 10.96
N PRO D 95 -7.93 -26.13 10.31
CA PRO D 95 -6.96 -27.22 10.19
C PRO D 95 -5.76 -26.78 9.36
N LYS D 96 -4.57 -27.22 9.76
CA LYS D 96 -3.37 -27.00 8.97
C LYS D 96 -3.60 -27.48 7.54
N PRO D 97 -3.36 -26.61 6.56
CA PRO D 97 -3.53 -26.95 5.14
C PRO D 97 -2.57 -28.06 4.69
MG MG E . 16.83 -1.87 -15.29
PB GDP F . 17.07 1.24 -16.65
O1B GDP F . 16.40 0.23 -15.76
O2B GDP F . 18.30 0.65 -17.32
O3B GDP F . 16.11 1.72 -17.69
O3A GDP F . 17.49 2.57 -15.87
PA GDP F . 17.81 2.70 -14.31
O1A GDP F . 16.55 2.70 -13.51
O2A GDP F . 18.77 1.65 -13.82
O5' GDP F . 18.44 4.18 -14.37
C5' GDP F . 19.68 4.43 -15.05
C4' GDP F . 20.27 5.68 -14.40
O4' GDP F . 19.37 6.79 -14.56
C3' GDP F . 20.42 5.46 -12.90
O3' GDP F . 21.69 6.02 -12.51
C2' GDP F . 19.30 6.27 -12.28
O2' GDP F . 19.62 6.81 -11.00
C1' GDP F . 19.08 7.39 -13.30
N9 GDP F . 17.67 7.84 -13.25
C8 GDP F . 16.58 7.04 -13.34
N7 GDP F . 15.44 7.76 -13.26
C5 GDP F . 15.79 9.05 -13.11
C6 GDP F . 15.07 10.33 -12.95
O6 GDP F . 13.82 10.38 -12.95
N1 GDP F . 15.80 11.44 -12.80
C2 GDP F . 17.14 11.43 -12.80
N2 GDP F . 17.79 12.61 -12.65
N3 GDP F . 17.88 10.29 -12.94
C4 GDP F . 17.26 9.10 -13.09
MG MG G . 9.93 -1.46 -0.37
MG MG H . 0.44 1.44 -1.51
ZN ZN I . 5.22 -18.02 -15.12
MG MG J . -16.85 -2.29 14.91
PB GDP K . -16.91 0.50 16.65
O1B GDP K . -16.31 -0.39 15.61
O2B GDP K . -18.18 -0.14 17.16
O3B GDP K . -15.97 0.70 17.79
O3A GDP K . -17.22 1.94 16.02
PA GDP K . -17.54 2.23 14.49
O1A GDP K . -16.28 2.19 13.63
O2A GDP K . -18.61 1.31 14.00
O5' GDP K . -18.04 3.74 14.65
C5' GDP K . -19.28 3.97 15.34
C4' GDP K . -19.81 5.35 14.96
O4' GDP K . -18.82 6.33 15.26
C3' GDP K . -20.05 5.38 13.47
O3' GDP K . -21.28 6.07 13.24
C2' GDP K . -18.85 6.15 12.94
O2' GDP K . -19.18 6.87 11.74
C1' GDP K . -18.49 7.07 14.09
N9 GDP K . -17.04 7.42 14.10
C8 GDP K . -16.00 6.57 14.16
N7 GDP K . -14.83 7.24 14.16
C5 GDP K . -15.13 8.56 14.11
C6 GDP K . -14.38 9.82 14.09
O6 GDP K . -13.13 9.82 14.11
N1 GDP K . -15.07 10.96 14.03
C2 GDP K . -16.41 11.00 13.98
N2 GDP K . -17.05 12.20 13.92
N3 GDP K . -17.18 9.89 14.01
C4 GDP K . -16.59 8.66 14.08
MG MG L . 9.45 -1.41 2.67
MG MG M . -0.25 1.30 1.46
ZN ZN N . -6.15 -19.26 12.56
#